data_3QGC
#
_entry.id   3QGC
#
_cell.length_a   96.577
_cell.length_b   96.577
_cell.length_c   101.389
_cell.angle_alpha   90.00
_cell.angle_beta   90.00
_cell.angle_gamma   120.00
#
_symmetry.space_group_name_H-M   'P 61'
#
loop_
_entity.id
_entity.type
_entity.pdbx_description
1 polymer 'Fem-3 mRNA-binding factor 2'
2 polymer "5'-R(*UP*GP*UP*GP*CP*CP*UP*UP*A)-3'"
3 water water
#
loop_
_entity_poly.entity_id
_entity_poly.type
_entity_poly.pdbx_seq_one_letter_code
_entity_poly.pdbx_strand_id
1 'polypeptide(L)'
;GSNNVLPTWSLDSNGEMRSRLSLSEVLDSGDLMKFAVDKTGCQFLEKAVKGSLTSYQKFQLFEQVIGRKDDFLKLSTNIF
GNYLVQSVIGISLATNDDGYTKRQEKLKNFISSQMTDMCLDKFACYVIQSSLQNMDLSLACKLVQALPRDARLIAICVDQ
NANHVIQKVVAVIPLKNWEFIVDFVATPEHLRQICSDKYGCRVVQTIIEKLTADSMNVDLTSAAQNLRERALQRLMTSVT
NRCQELATNEYANYIIQHIVSNDDLAVYRECIIEKCLMRNLLSLSQEKFASHVVEKAFLHAPLELLAEMMDEIFDGYIPH
PDTGKDALDIMMFHQFGNYVVQCMLTICCDAVSGRRQTKEGGYDHAISFQDWLKKLHSRVTKERHRLSRFSSGKKMIETL
ANLRSTHPIYELQ
;
A
2 'polyribonucleotide' UGUGCCUUA B
#
loop_
_chem_comp.id
_chem_comp.type
_chem_comp.name
_chem_comp.formula
A RNA linking ADENOSINE-5'-MONOPHOSPHATE 'C10 H14 N5 O7 P'
C RNA linking CYTIDINE-5'-MONOPHOSPHATE 'C9 H14 N3 O8 P'
G RNA linking GUANOSINE-5'-MONOPHOSPHATE 'C10 H14 N5 O8 P'
U RNA linking URIDINE-5'-MONOPHOSPHATE 'C9 H13 N2 O9 P'
#
# COMPACT_ATOMS: atom_id res chain seq x y z
N LEU A 6 -32.27 23.77 11.22
CA LEU A 6 -32.84 22.98 12.30
C LEU A 6 -34.13 23.57 12.88
N PRO A 7 -34.97 22.71 13.49
CA PRO A 7 -36.30 23.04 14.00
C PRO A 7 -36.30 24.26 14.89
N THR A 8 -37.29 25.11 14.69
CA THR A 8 -37.43 26.33 15.48
C THR A 8 -37.57 26.02 16.96
N TRP A 9 -38.22 24.91 17.30
CA TRP A 9 -38.41 24.55 18.71
C TRP A 9 -37.07 24.38 19.43
N SER A 10 -36.02 24.10 18.68
CA SER A 10 -34.72 23.83 19.25
C SER A 10 -33.84 25.07 19.28
N LEU A 11 -34.40 26.21 18.88
CA LEU A 11 -33.62 27.45 18.77
C LEU A 11 -33.97 28.46 19.87
N ASP A 12 -32.97 29.23 20.28
CA ASP A 12 -33.19 30.31 21.25
C ASP A 12 -33.64 31.58 20.55
N SER A 13 -33.66 32.68 21.27
CA SER A 13 -34.10 33.97 20.74
C SER A 13 -33.23 34.45 19.58
N ASN A 14 -31.92 34.23 19.70
CA ASN A 14 -30.97 34.70 18.69
C ASN A 14 -30.67 33.70 17.57
N GLY A 15 -31.58 32.76 17.35
CA GLY A 15 -31.46 31.83 16.22
C GLY A 15 -30.37 30.79 16.35
N GLU A 16 -29.91 30.56 17.58
CA GLU A 16 -28.90 29.54 17.82
C GLU A 16 -29.50 28.34 18.54
N MET A 17 -28.88 27.19 18.37
CA MET A 17 -29.34 25.98 19.05
C MET A 17 -29.27 26.15 20.56
N ARG A 18 -30.36 25.85 21.26
CA ARG A 18 -30.40 25.96 22.72
C ARG A 18 -29.30 25.14 23.39
N SER A 19 -28.96 25.50 24.63
CA SER A 19 -27.84 24.87 25.33
C SER A 19 -28.24 23.72 26.25
N ARG A 20 -29.49 23.71 26.69
CA ARG A 20 -29.95 22.68 27.61
C ARG A 20 -30.78 21.60 26.91
N LEU A 21 -30.50 21.36 25.64
CA LEU A 21 -31.25 20.39 24.86
C LEU A 21 -30.93 18.99 25.32
N SER A 22 -31.94 18.11 25.33
CA SER A 22 -31.72 16.72 25.74
C SER A 22 -31.79 15.78 24.54
N LEU A 23 -31.08 14.66 24.62
CA LEU A 23 -31.10 13.69 23.53
C LEU A 23 -32.52 13.22 23.29
N SER A 24 -33.25 12.93 24.36
CA SER A 24 -34.60 12.39 24.24
C SER A 24 -35.56 13.36 23.54
N GLU A 25 -35.43 14.65 23.81
CA GLU A 25 -36.20 15.66 23.09
C GLU A 25 -35.98 15.55 21.58
N VAL A 26 -34.72 15.46 21.18
CA VAL A 26 -34.41 15.34 19.77
C VAL A 26 -34.95 14.03 19.19
N LEU A 27 -34.74 12.93 19.90
CA LEU A 27 -35.21 11.63 19.41
C LEU A 27 -36.73 11.59 19.28
N ASP A 28 -37.42 12.16 20.27
CA ASP A 28 -38.88 12.16 20.30
C ASP A 28 -39.49 13.02 19.19
N SER A 29 -38.74 14.03 18.75
CA SER A 29 -39.24 15.11 17.90
C SER A 29 -39.51 14.72 16.45
N GLY A 30 -38.83 13.67 15.99
CA GLY A 30 -38.91 13.27 14.60
C GLY A 30 -37.98 14.11 13.73
N ASP A 31 -37.17 14.95 14.38
CA ASP A 31 -36.32 15.90 13.67
C ASP A 31 -34.84 15.52 13.67
N LEU A 32 -34.52 14.32 14.13
CA LEU A 32 -33.12 13.90 14.18
C LEU A 32 -32.34 14.16 12.89
N MET A 33 -32.95 13.87 11.74
CA MET A 33 -32.26 14.03 10.47
C MET A 33 -31.81 15.47 10.23
N LYS A 34 -32.53 16.44 10.77
CA LYS A 34 -32.11 17.83 10.62
C LYS A 34 -30.89 18.17 11.50
N PHE A 35 -30.84 17.59 12.69
CA PHE A 35 -29.68 17.76 13.57
C PHE A 35 -28.44 17.06 13.03
N ALA A 36 -28.64 15.85 12.50
CA ALA A 36 -27.53 15.01 12.08
C ALA A 36 -26.73 15.58 10.90
N VAL A 37 -27.38 16.41 10.06
CA VAL A 37 -26.67 16.98 8.91
C VAL A 37 -26.24 18.44 9.12
N ASP A 38 -26.34 18.89 10.36
CA ASP A 38 -25.95 20.24 10.72
C ASP A 38 -24.72 20.11 11.60
N LYS A 39 -23.74 20.99 11.43
CA LYS A 39 -22.49 20.85 12.18
C LYS A 39 -22.74 20.87 13.68
N THR A 40 -23.45 21.90 14.14
CA THR A 40 -23.71 22.08 15.56
C THR A 40 -24.60 20.97 16.12
N GLY A 41 -25.65 20.63 15.39
CA GLY A 41 -26.55 19.57 15.80
C GLY A 41 -25.85 18.23 15.90
N CYS A 42 -25.05 17.87 14.90
CA CYS A 42 -24.39 16.56 14.89
C CYS A 42 -23.36 16.50 16.01
N GLN A 43 -22.71 17.62 16.25
CA GLN A 43 -21.76 17.74 17.36
C GLN A 43 -22.45 17.45 18.70
N PHE A 44 -23.67 17.96 18.86
CA PHE A 44 -24.45 17.69 20.05
C PHE A 44 -24.79 16.21 20.15
N LEU A 45 -25.28 15.64 19.05
CA LEU A 45 -25.65 14.23 19.03
C LEU A 45 -24.46 13.34 19.35
N GLU A 46 -23.32 13.67 18.75
CA GLU A 46 -22.07 12.93 18.94
C GLU A 46 -21.72 12.77 20.41
N LYS A 47 -21.72 13.89 21.12
CA LYS A 47 -21.43 13.93 22.56
C LYS A 47 -22.51 13.21 23.35
N ALA A 48 -23.77 13.48 23.02
CA ALA A 48 -24.88 12.84 23.71
C ALA A 48 -24.88 11.32 23.57
N VAL A 49 -24.47 10.80 22.42
CA VAL A 49 -24.53 9.34 22.22
C VAL A 49 -23.34 8.59 22.83
N LYS A 50 -22.33 9.33 23.29
CA LYS A 50 -21.18 8.71 23.95
C LYS A 50 -21.44 8.51 25.45
N GLY A 51 -22.54 9.06 25.93
CA GLY A 51 -22.85 9.02 27.35
C GLY A 51 -23.66 7.79 27.71
N SER A 52 -24.23 7.79 28.91
CA SER A 52 -25.11 6.70 29.28
C SER A 52 -26.35 6.84 28.43
N LEU A 53 -26.82 5.72 27.88
CA LEU A 53 -28.05 5.71 27.13
C LEU A 53 -28.98 4.68 27.74
N THR A 54 -30.27 5.01 27.86
CA THR A 54 -31.26 4.06 28.29
C THR A 54 -31.62 3.19 27.10
N SER A 55 -32.24 2.05 27.36
CA SER A 55 -32.66 1.13 26.31
C SER A 55 -33.50 1.81 25.23
N TYR A 56 -34.45 2.64 25.63
CA TYR A 56 -35.30 3.27 24.62
C TYR A 56 -34.53 4.29 23.78
N GLN A 57 -33.59 5.02 24.40
CA GLN A 57 -32.80 5.95 23.61
C GLN A 57 -32.03 5.22 22.53
N LYS A 58 -31.45 4.07 22.89
CA LYS A 58 -30.76 3.25 21.91
C LYS A 58 -31.72 2.78 20.83
N PHE A 59 -32.89 2.34 21.27
CA PHE A 59 -33.89 1.82 20.34
C PHE A 59 -34.24 2.87 19.30
N GLN A 60 -34.47 4.10 19.76
CA GLN A 60 -34.79 5.19 18.84
C GLN A 60 -33.65 5.49 17.89
N LEU A 61 -32.43 5.54 18.42
CA LEU A 61 -31.27 5.76 17.57
C LEU A 61 -31.12 4.65 16.53
N PHE A 62 -31.35 3.40 16.93
CA PHE A 62 -31.24 2.30 15.98
C PHE A 62 -32.27 2.47 14.86
N GLU A 63 -33.49 2.82 15.23
CA GLU A 63 -34.55 3.01 14.24
C GLU A 63 -34.30 4.21 13.33
N GLN A 64 -33.81 5.30 13.89
CA GLN A 64 -33.72 6.54 13.13
C GLN A 64 -32.42 6.72 12.37
N VAL A 65 -31.35 6.06 12.80
CA VAL A 65 -30.04 6.25 12.15
C VAL A 65 -29.64 5.06 11.27
N ILE A 66 -29.91 3.85 11.73
CA ILE A 66 -29.54 2.67 10.96
C ILE A 66 -30.72 1.73 10.69
N GLY A 67 -31.92 2.29 10.77
CA GLY A 67 -33.13 1.48 10.71
C GLY A 67 -33.82 1.50 9.36
N ARG A 68 -33.65 2.61 8.62
CA ARG A 68 -34.28 2.76 7.32
C ARG A 68 -33.22 3.02 6.27
N LYS A 69 -33.28 2.28 5.17
CA LYS A 69 -32.23 2.35 4.15
C LYS A 69 -31.98 3.76 3.62
N ASP A 70 -33.03 4.49 3.24
CA ASP A 70 -32.81 5.80 2.65
C ASP A 70 -32.15 6.79 3.62
N ASP A 71 -32.67 6.87 4.85
CA ASP A 71 -32.03 7.74 5.86
C ASP A 71 -30.60 7.30 6.20
N PHE A 72 -30.39 5.98 6.30
CA PHE A 72 -29.05 5.44 6.55
C PHE A 72 -28.07 5.91 5.47
N LEU A 73 -28.49 5.83 4.22
CA LEU A 73 -27.62 6.23 3.11
C LEU A 73 -27.38 7.73 3.12
N LYS A 74 -28.43 8.48 3.45
CA LYS A 74 -28.36 9.93 3.49
C LYS A 74 -27.40 10.41 4.57
N LEU A 75 -27.43 9.76 5.74
CA LEU A 75 -26.48 10.10 6.80
C LEU A 75 -25.06 9.61 6.47
N SER A 76 -24.98 8.40 5.93
CA SER A 76 -23.69 7.79 5.64
C SER A 76 -22.90 8.61 4.63
N THR A 77 -23.61 9.25 3.70
CA THR A 77 -22.96 10.02 2.64
C THR A 77 -22.88 11.50 2.99
N ASN A 78 -23.13 11.83 4.25
CA ASN A 78 -23.11 13.21 4.69
C ASN A 78 -21.85 13.58 5.45
N ILE A 79 -21.38 14.79 5.22
CA ILE A 79 -20.13 15.26 5.79
C ILE A 79 -20.13 15.14 7.32
N PHE A 80 -21.26 15.43 7.96
CA PHE A 80 -21.34 15.31 9.41
C PHE A 80 -21.99 14.00 9.83
N GLY A 81 -23.05 13.61 9.13
CA GLY A 81 -23.82 12.45 9.51
C GLY A 81 -23.06 11.13 9.54
N ASN A 82 -22.00 10.99 8.74
CA ASN A 82 -21.33 9.71 8.69
C ASN A 82 -20.72 9.34 10.05
N TYR A 83 -20.35 10.35 10.82
CA TYR A 83 -19.84 10.14 12.16
C TYR A 83 -20.93 9.57 13.09
N LEU A 84 -22.13 10.12 12.97
CA LEU A 84 -23.23 9.64 13.79
C LEU A 84 -23.56 8.20 13.42
N VAL A 85 -23.50 7.89 12.14
CA VAL A 85 -23.77 6.52 11.70
C VAL A 85 -22.75 5.57 12.31
N GLN A 86 -21.47 5.94 12.27
CA GLN A 86 -20.44 5.09 12.86
C GLN A 86 -20.64 4.87 14.35
N SER A 87 -20.99 5.94 15.08
CA SER A 87 -21.26 5.83 16.51
C SER A 87 -22.43 4.91 16.82
N VAL A 88 -23.52 5.05 16.06
CA VAL A 88 -24.69 4.20 16.28
C VAL A 88 -24.43 2.75 15.89
N ILE A 89 -23.67 2.51 14.83
CA ILE A 89 -23.27 1.14 14.53
C ILE A 89 -22.54 0.53 15.72
N GLY A 90 -21.62 1.28 16.31
CA GLY A 90 -20.90 0.80 17.49
C GLY A 90 -21.81 0.48 18.66
N ILE A 91 -22.77 1.35 18.91
CA ILE A 91 -23.74 1.12 19.99
C ILE A 91 -24.59 -0.11 19.69
N SER A 92 -25.03 -0.25 18.43
CA SER A 92 -25.81 -1.41 18.04
C SER A 92 -25.04 -2.71 18.29
N LEU A 93 -23.75 -2.72 17.94
CA LEU A 93 -22.93 -3.91 18.13
C LEU A 93 -22.68 -4.22 19.60
N ALA A 94 -22.76 -3.20 20.45
CA ALA A 94 -22.52 -3.37 21.90
C ALA A 94 -23.78 -3.78 22.67
N THR A 95 -24.92 -3.79 21.98
CA THR A 95 -26.20 -3.97 22.66
C THR A 95 -26.81 -5.31 22.28
N ASN A 96 -26.56 -6.31 23.12
CA ASN A 96 -26.98 -7.68 22.86
C ASN A 96 -28.39 -8.02 23.31
N ASP A 97 -29.34 -7.15 22.98
CA ASP A 97 -30.73 -7.46 23.26
C ASP A 97 -31.29 -8.34 22.15
N ASP A 98 -32.59 -8.64 22.22
CA ASP A 98 -33.22 -9.52 21.25
C ASP A 98 -33.21 -8.97 19.82
N GLY A 99 -33.03 -7.67 19.68
CA GLY A 99 -33.04 -7.06 18.35
C GLY A 99 -31.70 -7.08 17.64
N TYR A 100 -30.67 -7.58 18.31
CA TYR A 100 -29.30 -7.50 17.78
C TYR A 100 -29.17 -8.13 16.40
N THR A 101 -29.60 -9.37 16.26
CA THR A 101 -29.41 -10.08 14.99
C THR A 101 -30.07 -9.36 13.83
N LYS A 102 -31.32 -8.94 14.02
CA LYS A 102 -32.03 -8.24 12.96
C LYS A 102 -31.38 -6.92 12.59
N ARG A 103 -30.94 -6.15 13.59
CA ARG A 103 -30.27 -4.88 13.32
C ARG A 103 -29.00 -5.08 12.49
N GLN A 104 -28.22 -6.08 12.84
CA GLN A 104 -26.96 -6.29 12.15
C GLN A 104 -27.17 -6.84 10.73
N GLU A 105 -28.17 -7.70 10.57
CA GLU A 105 -28.50 -8.24 9.26
C GLU A 105 -29.02 -7.11 8.36
N LYS A 106 -29.80 -6.23 8.94
CA LYS A 106 -30.33 -5.09 8.20
C LYS A 106 -29.19 -4.17 7.74
N LEU A 107 -28.24 -3.90 8.62
CA LEU A 107 -27.09 -3.07 8.27
C LEU A 107 -26.30 -3.73 7.14
N LYS A 108 -26.12 -5.04 7.23
CA LYS A 108 -25.40 -5.78 6.18
C LYS A 108 -26.13 -5.66 4.85
N ASN A 109 -27.44 -5.79 4.87
CA ASN A 109 -28.25 -5.65 3.66
C ASN A 109 -28.19 -4.25 3.06
N PHE A 110 -28.30 -3.23 3.90
CA PHE A 110 -28.26 -1.86 3.40
C PHE A 110 -26.95 -1.56 2.68
N ILE A 111 -25.84 -1.89 3.34
CA ILE A 111 -24.52 -1.65 2.78
C ILE A 111 -24.28 -2.50 1.52
N SER A 112 -24.58 -3.79 1.61
CA SER A 112 -24.34 -4.68 0.47
C SER A 112 -25.04 -4.19 -0.78
N SER A 113 -26.30 -3.80 -0.62
CA SER A 113 -27.12 -3.35 -1.74
C SER A 113 -26.54 -2.12 -2.41
N GLN A 114 -25.77 -1.34 -1.66
CA GLN A 114 -25.26 -0.07 -2.17
C GLN A 114 -23.73 0.00 -2.10
N MET A 115 -23.09 -1.15 -2.11
CA MET A 115 -21.65 -1.22 -1.84
C MET A 115 -20.76 -0.32 -2.72
N THR A 116 -20.92 -0.40 -4.04
CA THR A 116 -20.02 0.37 -4.90
C THR A 116 -20.20 1.86 -4.68
N ASP A 117 -21.45 2.30 -4.69
CA ASP A 117 -21.78 3.70 -4.46
C ASP A 117 -21.24 4.22 -3.13
N MET A 118 -21.32 3.40 -2.09
CA MET A 118 -20.83 3.82 -0.78
C MET A 118 -19.29 3.87 -0.76
N CYS A 119 -18.65 2.88 -1.37
CA CYS A 119 -17.18 2.84 -1.36
C CYS A 119 -16.58 4.08 -2.03
N LEU A 120 -17.20 4.52 -3.12
CA LEU A 120 -16.70 5.64 -3.89
C LEU A 120 -17.06 6.99 -3.26
N ASP A 121 -17.99 6.98 -2.31
CA ASP A 121 -18.38 8.21 -1.63
C ASP A 121 -17.34 8.62 -0.62
N LYS A 122 -17.04 9.91 -0.62
CA LYS A 122 -16.00 10.50 0.22
C LYS A 122 -16.27 10.35 1.71
N PHE A 123 -17.53 10.17 2.10
CA PHE A 123 -17.84 10.03 3.52
C PHE A 123 -18.33 8.63 3.86
N ALA A 124 -19.12 8.02 2.98
CA ALA A 124 -19.66 6.70 3.28
C ALA A 124 -18.54 5.64 3.30
N CYS A 125 -17.42 5.92 2.66
CA CYS A 125 -16.30 4.97 2.70
C CYS A 125 -15.86 4.69 4.15
N TYR A 126 -15.96 5.70 5.02
CA TYR A 126 -15.60 5.51 6.42
C TYR A 126 -16.58 4.63 7.16
N VAL A 127 -17.84 4.68 6.76
CA VAL A 127 -18.85 3.78 7.30
C VAL A 127 -18.55 2.34 6.91
N ILE A 128 -18.17 2.13 5.65
CA ILE A 128 -17.74 0.80 5.20
C ILE A 128 -16.52 0.31 5.98
N GLN A 129 -15.49 1.15 6.08
CA GLN A 129 -14.28 0.73 6.77
C GLN A 129 -14.54 0.38 8.23
N SER A 130 -15.33 1.19 8.93
CA SER A 130 -15.56 0.90 10.34
C SER A 130 -16.41 -0.35 10.50
N SER A 131 -17.34 -0.56 9.58
CA SER A 131 -18.16 -1.78 9.59
C SER A 131 -17.34 -3.06 9.35
N LEU A 132 -16.39 -2.99 8.41
CA LEU A 132 -15.55 -4.14 8.10
C LEU A 132 -14.77 -4.60 9.32
N GLN A 133 -14.28 -3.66 10.10
CA GLN A 133 -13.42 -4.04 11.22
C GLN A 133 -14.17 -4.27 12.54
N ASN A 134 -15.39 -3.77 12.62
CA ASN A 134 -16.13 -3.85 13.87
C ASN A 134 -17.28 -4.88 13.89
N MET A 135 -17.94 -5.08 12.74
CA MET A 135 -19.06 -6.02 12.69
C MET A 135 -18.58 -7.42 13.00
N ASP A 136 -19.50 -8.29 13.40
CA ASP A 136 -19.18 -9.70 13.53
C ASP A 136 -18.53 -10.14 12.23
N LEU A 137 -17.48 -10.92 12.34
CA LEU A 137 -16.71 -11.26 11.15
C LEU A 137 -17.57 -11.91 10.05
N SER A 138 -18.45 -12.83 10.44
CA SER A 138 -19.29 -13.50 9.45
C SER A 138 -20.08 -12.49 8.62
N LEU A 139 -20.57 -11.44 9.25
CA LEU A 139 -21.30 -10.41 8.53
C LEU A 139 -20.38 -9.47 7.74
N ALA A 140 -19.24 -9.11 8.32
CA ALA A 140 -18.27 -8.32 7.56
C ALA A 140 -17.85 -9.02 6.28
N CYS A 141 -17.71 -10.34 6.32
CA CYS A 141 -17.38 -11.10 5.11
C CYS A 141 -18.43 -10.90 4.01
N LYS A 142 -19.69 -10.76 4.40
CA LYS A 142 -20.76 -10.55 3.41
C LYS A 142 -20.62 -9.20 2.69
N LEU A 143 -20.10 -8.20 3.38
CA LEU A 143 -19.85 -6.90 2.73
C LEU A 143 -18.82 -7.03 1.62
N VAL A 144 -17.79 -7.84 1.88
CA VAL A 144 -16.73 -8.07 0.92
C VAL A 144 -17.31 -8.76 -0.33
N GLN A 145 -18.20 -9.71 -0.08
CA GLN A 145 -18.88 -10.44 -1.13
C GLN A 145 -19.67 -9.51 -2.06
N ALA A 146 -20.05 -8.35 -1.54
CA ALA A 146 -20.86 -7.40 -2.32
C ALA A 146 -20.01 -6.47 -3.17
N LEU A 147 -18.69 -6.55 -3.04
CA LEU A 147 -17.83 -5.78 -3.93
C LEU A 147 -18.08 -6.18 -5.38
N PRO A 148 -17.96 -5.23 -6.31
CA PRO A 148 -18.17 -5.50 -7.74
C PRO A 148 -17.01 -6.32 -8.30
N ARG A 149 -17.24 -6.98 -9.42
CA ARG A 149 -16.23 -7.84 -10.02
C ARG A 149 -15.87 -7.37 -11.42
N ASP A 150 -16.44 -6.25 -11.84
CA ASP A 150 -16.20 -5.75 -13.18
C ASP A 150 -15.34 -4.50 -13.17
N ALA A 151 -15.53 -3.65 -14.18
CA ALA A 151 -14.74 -2.43 -14.31
C ALA A 151 -14.85 -1.54 -13.08
N ARG A 152 -15.95 -1.66 -12.35
CA ARG A 152 -16.15 -0.86 -11.15
C ARG A 152 -15.10 -1.17 -10.08
N LEU A 153 -14.57 -2.39 -10.09
CA LEU A 153 -13.57 -2.76 -9.09
C LEU A 153 -12.27 -2.02 -9.36
N ILE A 154 -11.94 -1.83 -10.64
CA ILE A 154 -10.78 -1.03 -10.98
C ILE A 154 -10.99 0.39 -10.47
N ALA A 155 -12.17 0.94 -10.72
CA ALA A 155 -12.50 2.29 -10.26
C ALA A 155 -12.34 2.41 -8.75
N ILE A 156 -12.72 1.37 -8.03
CA ILE A 156 -12.59 1.39 -6.57
C ILE A 156 -11.11 1.40 -6.16
N CYS A 157 -10.30 0.55 -6.80
CA CYS A 157 -8.89 0.45 -6.46
C CYS A 157 -8.09 1.72 -6.75
N VAL A 158 -8.50 2.51 -7.73
CA VAL A 158 -7.75 3.71 -8.09
C VAL A 158 -8.38 4.98 -7.56
N ASP A 159 -9.44 4.85 -6.77
CA ASP A 159 -10.15 6.01 -6.22
C ASP A 159 -9.42 6.55 -5.00
N GLN A 160 -9.30 7.88 -4.89
CA GLN A 160 -8.58 8.48 -3.76
C GLN A 160 -9.21 8.12 -2.41
N ASN A 161 -10.52 7.89 -2.40
CA ASN A 161 -11.21 7.46 -1.18
C ASN A 161 -11.38 5.96 -1.08
N ALA A 162 -11.90 5.36 -2.15
CA ALA A 162 -12.26 3.95 -2.08
C ALA A 162 -11.06 3.01 -1.94
N ASN A 163 -9.87 3.43 -2.36
CA ASN A 163 -8.73 2.51 -2.26
C ASN A 163 -8.52 2.08 -0.82
N HIS A 164 -8.85 2.96 0.11
CA HIS A 164 -8.68 2.66 1.53
C HIS A 164 -9.68 1.61 2.02
N VAL A 165 -10.80 1.48 1.33
CA VAL A 165 -11.74 0.40 1.65
C VAL A 165 -11.11 -0.95 1.27
N ILE A 166 -10.52 -1.03 0.09
CA ILE A 166 -9.83 -2.26 -0.30
C ILE A 166 -8.69 -2.59 0.67
N GLN A 167 -7.92 -1.57 1.07
CA GLN A 167 -6.83 -1.81 2.01
C GLN A 167 -7.35 -2.29 3.38
N LYS A 168 -8.51 -1.77 3.80
CA LYS A 168 -9.13 -2.24 5.05
C LYS A 168 -9.55 -3.70 4.95
N VAL A 169 -10.17 -4.07 3.83
CA VAL A 169 -10.55 -5.46 3.60
C VAL A 169 -9.33 -6.36 3.77
N VAL A 170 -8.25 -5.98 3.11
CA VAL A 170 -7.05 -6.79 3.17
C VAL A 170 -6.53 -6.92 4.61
N ALA A 171 -6.69 -5.86 5.38
CA ALA A 171 -6.22 -5.83 6.76
C ALA A 171 -7.06 -6.67 7.74
N VAL A 172 -8.38 -6.68 7.60
CA VAL A 172 -9.21 -7.25 8.67
C VAL A 172 -10.10 -8.45 8.30
N ILE A 173 -10.00 -8.92 7.06
CA ILE A 173 -10.87 -10.00 6.57
C ILE A 173 -10.00 -11.18 6.09
N PRO A 174 -10.36 -12.43 6.43
CA PRO A 174 -9.49 -13.51 5.96
C PRO A 174 -9.41 -13.59 4.44
N LEU A 175 -8.25 -14.04 3.95
CA LEU A 175 -7.94 -14.06 2.52
C LEU A 175 -8.99 -14.77 1.65
N LYS A 176 -9.57 -15.85 2.14
CA LYS A 176 -10.49 -16.60 1.28
C LYS A 176 -11.60 -15.69 0.73
N ASN A 177 -12.06 -14.76 1.57
CA ASN A 177 -13.10 -13.84 1.17
C ASN A 177 -12.72 -12.84 0.07
N TRP A 178 -11.46 -12.43 0.02
CA TRP A 178 -11.06 -11.46 -0.99
C TRP A 178 -10.05 -12.02 -1.99
N GLU A 179 -9.95 -13.34 -2.04
CA GLU A 179 -9.05 -13.97 -2.98
C GLU A 179 -9.41 -13.53 -4.41
N PHE A 180 -10.70 -13.34 -4.68
CA PHE A 180 -11.12 -12.86 -5.99
C PHE A 180 -10.47 -11.54 -6.40
N ILE A 181 -10.14 -10.70 -5.42
CA ILE A 181 -9.49 -9.43 -5.73
C ILE A 181 -8.06 -9.65 -6.20
N VAL A 182 -7.39 -10.60 -5.58
CA VAL A 182 -6.04 -10.95 -6.00
C VAL A 182 -6.05 -11.43 -7.44
N ASP A 183 -6.99 -12.31 -7.77
CA ASP A 183 -7.10 -12.82 -9.12
C ASP A 183 -7.52 -11.75 -10.13
N PHE A 184 -8.42 -10.86 -9.71
CA PHE A 184 -8.83 -9.73 -10.54
C PHE A 184 -7.63 -8.83 -10.88
N VAL A 185 -6.88 -8.46 -9.86
CA VAL A 185 -5.73 -7.57 -10.04
C VAL A 185 -4.68 -8.25 -10.90
N ALA A 186 -4.58 -9.57 -10.80
CA ALA A 186 -3.58 -10.32 -11.54
C ALA A 186 -3.85 -10.45 -13.04
N THR A 187 -5.05 -10.09 -13.48
CA THR A 187 -5.36 -10.15 -14.91
C THR A 187 -4.50 -9.09 -15.59
N PRO A 188 -3.78 -9.47 -16.66
CA PRO A 188 -2.79 -8.58 -17.29
C PRO A 188 -3.23 -7.13 -17.46
N GLU A 189 -4.41 -6.93 -18.03
CA GLU A 189 -4.89 -5.58 -18.28
C GLU A 189 -5.24 -4.84 -16.99
N HIS A 190 -5.81 -5.56 -16.03
CA HIS A 190 -6.09 -4.94 -14.72
C HIS A 190 -4.80 -4.57 -14.01
N LEU A 191 -3.84 -5.47 -14.01
CA LEU A 191 -2.58 -5.22 -13.33
C LEU A 191 -1.96 -3.93 -13.88
N ARG A 192 -2.00 -3.79 -15.20
CA ARG A 192 -1.42 -2.62 -15.87
C ARG A 192 -2.08 -1.33 -15.41
N GLN A 193 -3.39 -1.28 -15.45
CA GLN A 193 -4.12 -0.08 -15.04
C GLN A 193 -3.91 0.24 -13.56
N ILE A 194 -4.08 -0.76 -12.71
CA ILE A 194 -4.04 -0.53 -11.28
C ILE A 194 -2.64 -0.15 -10.78
N CYS A 195 -1.62 -0.87 -11.24
CA CYS A 195 -0.24 -0.62 -10.78
C CYS A 195 0.30 0.73 -11.26
N SER A 196 -0.20 1.19 -12.41
CA SER A 196 0.25 2.44 -13.01
C SER A 196 -0.54 3.65 -12.49
N ASP A 197 -1.18 3.48 -11.36
CA ASP A 197 -1.99 4.52 -10.74
C ASP A 197 -1.46 4.86 -9.34
N LYS A 198 -1.54 6.13 -8.97
CA LYS A 198 -1.01 6.63 -7.71
C LYS A 198 -1.59 5.90 -6.50
N TYR A 199 -2.89 5.66 -6.52
CA TYR A 199 -3.52 4.93 -5.43
C TYR A 199 -3.47 3.43 -5.64
N GLY A 200 -3.68 2.98 -6.87
CA GLY A 200 -3.67 1.57 -7.18
C GLY A 200 -2.37 0.88 -6.82
N CYS A 201 -1.23 1.55 -7.02
CA CYS A 201 0.05 0.92 -6.73
C CYS A 201 0.21 0.68 -5.23
N ARG A 202 -0.36 1.55 -4.40
CA ARG A 202 -0.37 1.33 -2.95
C ARG A 202 -1.27 0.14 -2.59
N VAL A 203 -2.44 0.05 -3.23
CA VAL A 203 -3.31 -1.10 -3.02
C VAL A 203 -2.59 -2.43 -3.30
N VAL A 204 -1.88 -2.46 -4.41
CA VAL A 204 -1.19 -3.69 -4.81
C VAL A 204 -0.07 -3.98 -3.83
N GLN A 205 0.65 -2.95 -3.38
CA GLN A 205 1.69 -3.22 -2.38
C GLN A 205 1.08 -3.75 -1.07
N THR A 206 -0.04 -3.19 -0.66
CA THR A 206 -0.69 -3.69 0.55
C THR A 206 -1.11 -5.15 0.43
N ILE A 207 -1.64 -5.51 -0.73
CA ILE A 207 -2.01 -6.91 -0.98
C ILE A 207 -0.79 -7.83 -0.92
N ILE A 208 0.28 -7.44 -1.57
CA ILE A 208 1.52 -8.23 -1.54
C ILE A 208 2.01 -8.43 -0.11
N GLU A 209 2.00 -7.35 0.67
CA GLU A 209 2.41 -7.40 2.08
C GLU A 209 1.59 -8.40 2.88
N LYS A 210 0.28 -8.41 2.68
CA LYS A 210 -0.58 -9.33 3.39
C LYS A 210 -0.36 -10.78 2.93
N LEU A 211 0.09 -10.96 1.68
CA LEU A 211 0.33 -12.29 1.12
C LEU A 211 1.76 -12.81 1.38
N THR A 212 2.53 -12.04 2.15
CA THR A 212 3.91 -12.40 2.43
C THR A 212 4.01 -13.22 3.72
N ALA A 213 4.78 -14.30 3.68
CA ALA A 213 4.97 -15.15 4.87
C ALA A 213 5.99 -14.51 5.81
N ASP A 214 5.62 -13.41 6.43
CA ASP A 214 6.55 -12.72 7.31
C ASP A 214 6.13 -12.87 8.77
N SER A 215 6.80 -12.17 9.68
CA SER A 215 6.56 -12.37 11.11
C SER A 215 5.11 -12.00 11.48
N MET A 216 4.48 -11.15 10.67
CA MET A 216 3.11 -10.73 10.96
C MET A 216 2.04 -11.77 10.63
N ASN A 217 2.42 -12.81 9.87
CA ASN A 217 1.49 -13.87 9.51
C ASN A 217 1.72 -15.20 10.25
N VAL A 218 2.54 -15.20 11.30
CA VAL A 218 2.81 -16.46 11.99
C VAL A 218 1.57 -17.07 12.66
N ASP A 219 0.52 -16.26 12.83
CA ASP A 219 -0.71 -16.78 13.44
C ASP A 219 -1.64 -17.55 12.47
N LEU A 220 -1.31 -17.57 11.19
CA LEU A 220 -2.11 -18.34 10.23
C LEU A 220 -1.97 -19.84 10.46
N THR A 221 -3.06 -20.59 10.25
CA THR A 221 -2.98 -22.05 10.22
C THR A 221 -2.15 -22.46 9.01
N SER A 222 -1.65 -23.70 9.00
CA SER A 222 -0.89 -24.13 7.82
C SER A 222 -1.79 -24.18 6.58
N ALA A 223 -3.07 -24.47 6.78
CA ALA A 223 -3.99 -24.48 5.66
C ALA A 223 -4.11 -23.08 5.07
N ALA A 224 -4.21 -22.08 5.94
CA ALA A 224 -4.27 -20.69 5.51
C ALA A 224 -2.97 -20.21 4.87
N GLN A 225 -1.84 -20.75 5.32
CA GLN A 225 -0.55 -20.42 4.71
C GLN A 225 -0.50 -20.97 3.30
N ASN A 226 -1.05 -22.16 3.12
CA ASN A 226 -1.07 -22.73 1.79
C ASN A 226 -1.90 -21.88 0.84
N LEU A 227 -3.06 -21.45 1.33
CA LEU A 227 -3.93 -20.57 0.57
C LEU A 227 -3.21 -19.26 0.20
N ARG A 228 -2.54 -18.68 1.17
CA ARG A 228 -1.75 -17.46 0.96
C ARG A 228 -0.64 -17.70 -0.07
N GLU A 229 0.04 -18.84 0.07
CA GLU A 229 1.19 -19.13 -0.79
C GLU A 229 0.77 -19.20 -2.25
N ARG A 230 -0.36 -19.84 -2.50
CA ARG A 230 -0.87 -19.97 -3.86
C ARG A 230 -1.32 -18.63 -4.44
N ALA A 231 -2.00 -17.84 -3.64
CA ALA A 231 -2.39 -16.50 -4.09
C ALA A 231 -1.15 -15.65 -4.38
N LEU A 232 -0.15 -15.71 -3.51
CA LEU A 232 1.06 -14.94 -3.75
C LEU A 232 1.69 -15.38 -5.06
N GLN A 233 1.76 -16.69 -5.27
CA GLN A 233 2.39 -17.22 -6.46
C GLN A 233 1.66 -16.76 -7.71
N ARG A 234 0.33 -16.75 -7.67
CA ARG A 234 -0.46 -16.31 -8.82
C ARG A 234 -0.25 -14.84 -9.14
N LEU A 235 -0.20 -14.00 -8.11
CA LEU A 235 0.05 -12.57 -8.31
C LEU A 235 1.47 -12.30 -8.80
N MET A 236 2.46 -12.96 -8.21
CA MET A 236 3.86 -12.75 -8.60
C MET A 236 4.12 -13.18 -10.05
N THR A 237 3.39 -14.19 -10.51
CA THR A 237 3.54 -14.64 -11.90
C THR A 237 3.14 -13.51 -12.85
N SER A 238 2.06 -12.83 -12.51
CA SER A 238 1.57 -11.75 -13.35
C SER A 238 2.50 -10.55 -13.29
N VAL A 239 2.95 -10.21 -12.09
CA VAL A 239 3.91 -9.12 -11.90
C VAL A 239 5.20 -9.40 -12.66
N THR A 240 5.68 -10.64 -12.56
CA THR A 240 6.93 -11.00 -13.22
C THR A 240 6.80 -10.97 -14.75
N ASN A 241 5.65 -11.41 -15.25
CA ASN A 241 5.36 -11.35 -16.68
C ASN A 241 5.35 -9.93 -17.26
N ARG A 242 5.03 -8.95 -16.43
CA ARG A 242 5.04 -7.55 -16.86
C ARG A 242 6.13 -6.71 -16.18
N CYS A 243 7.14 -7.37 -15.62
CA CYS A 243 8.21 -6.73 -14.86
C CYS A 243 8.83 -5.49 -15.53
N GLN A 244 9.20 -5.64 -16.81
CA GLN A 244 9.81 -4.55 -17.59
C GLN A 244 8.95 -3.29 -17.55
N GLU A 245 7.68 -3.44 -17.92
CA GLU A 245 6.74 -2.33 -17.96
C GLU A 245 6.54 -1.71 -16.56
N LEU A 246 6.47 -2.54 -15.53
CA LEU A 246 6.20 -2.02 -14.20
C LEU A 246 7.40 -1.30 -13.60
N ALA A 247 8.59 -1.86 -13.82
CA ALA A 247 9.81 -1.30 -13.29
C ALA A 247 10.07 0.10 -13.81
N THR A 248 9.66 0.38 -15.03
CA THR A 248 9.97 1.66 -15.65
C THR A 248 8.87 2.70 -15.43
N ASN A 249 7.77 2.27 -14.84
CA ASN A 249 6.61 3.13 -14.64
C ASN A 249 6.73 4.06 -13.42
N GLU A 250 6.17 5.26 -13.53
CA GLU A 250 6.26 6.29 -12.49
C GLU A 250 5.72 5.85 -11.13
N TYR A 251 4.78 4.91 -11.12
CA TYR A 251 4.20 4.42 -9.88
C TYR A 251 4.54 2.96 -9.59
N ALA A 252 4.49 2.11 -10.60
CA ALA A 252 4.65 0.68 -10.33
C ALA A 252 6.10 0.36 -9.94
N ASN A 253 7.03 1.28 -10.22
CA ASN A 253 8.41 1.02 -9.80
C ASN A 253 8.50 0.80 -8.28
N TYR A 254 7.58 1.36 -7.52
CA TYR A 254 7.59 1.17 -6.08
C TYR A 254 7.24 -0.26 -5.70
N ILE A 255 6.39 -0.88 -6.50
CA ILE A 255 6.01 -2.26 -6.23
C ILE A 255 7.20 -3.17 -6.48
N ILE A 256 7.85 -2.95 -7.62
CA ILE A 256 8.98 -3.78 -7.98
C ILE A 256 10.08 -3.62 -6.93
N GLN A 257 10.31 -2.38 -6.49
CA GLN A 257 11.27 -2.13 -5.41
C GLN A 257 10.89 -2.85 -4.13
N HIS A 258 9.60 -2.83 -3.79
CA HIS A 258 9.19 -3.52 -2.58
C HIS A 258 9.54 -5.00 -2.67
N ILE A 259 9.26 -5.61 -3.81
CA ILE A 259 9.51 -7.04 -3.96
C ILE A 259 11.00 -7.33 -3.89
N VAL A 260 11.78 -6.57 -4.64
CA VAL A 260 13.23 -6.77 -4.67
C VAL A 260 13.86 -6.58 -3.29
N SER A 261 13.34 -5.63 -2.52
CA SER A 261 13.94 -5.28 -1.26
C SER A 261 13.57 -6.21 -0.11
N ASN A 262 12.54 -7.01 -0.29
CA ASN A 262 12.04 -7.82 0.82
C ASN A 262 12.61 -9.25 0.83
N ASP A 263 13.37 -9.57 1.87
CA ASP A 263 13.98 -10.90 1.98
C ASP A 263 12.92 -12.00 2.03
N ASP A 264 11.73 -11.69 2.55
CA ASP A 264 10.67 -12.70 2.58
C ASP A 264 10.06 -12.97 1.21
N LEU A 265 10.50 -12.23 0.20
CA LEU A 265 10.08 -12.46 -1.17
C LEU A 265 11.28 -12.81 -2.04
N ALA A 266 12.32 -13.35 -1.41
CA ALA A 266 13.59 -13.65 -2.08
C ALA A 266 13.44 -14.40 -3.41
N VAL A 267 12.62 -15.44 -3.45
CA VAL A 267 12.48 -16.20 -4.68
C VAL A 267 11.93 -15.34 -5.83
N TYR A 268 11.06 -14.40 -5.49
CA TYR A 268 10.48 -13.49 -6.48
C TYR A 268 11.44 -12.35 -6.83
N ARG A 269 12.23 -11.93 -5.86
CA ARG A 269 13.32 -11.00 -6.14
C ARG A 269 14.24 -11.55 -7.24
N GLU A 270 14.58 -12.82 -7.15
CA GLU A 270 15.50 -13.40 -8.12
C GLU A 270 14.90 -13.52 -9.52
N CYS A 271 13.62 -13.86 -9.58
CA CYS A 271 12.91 -13.95 -10.85
C CYS A 271 12.92 -12.60 -11.55
N ILE A 272 12.62 -11.55 -10.79
CA ILE A 272 12.49 -10.22 -11.37
C ILE A 272 13.83 -9.76 -11.93
N ILE A 273 14.88 -9.97 -11.15
CA ILE A 273 16.19 -9.53 -11.59
C ILE A 273 16.56 -10.25 -12.91
N GLU A 274 16.24 -11.54 -12.99
CA GLU A 274 16.55 -12.32 -14.19
C GLU A 274 15.70 -11.94 -15.39
N LYS A 275 14.43 -11.66 -15.13
CA LYS A 275 13.43 -11.51 -16.19
C LYS A 275 13.51 -10.16 -16.85
N CYS A 276 13.82 -9.12 -16.09
CA CYS A 276 13.84 -7.79 -16.69
C CYS A 276 15.10 -6.96 -16.46
N LEU A 277 15.86 -7.26 -15.41
CA LEU A 277 17.04 -6.42 -15.11
C LEU A 277 18.34 -6.90 -15.80
N MET A 278 18.67 -8.18 -15.65
CA MET A 278 19.90 -8.70 -16.26
C MET A 278 19.93 -8.41 -17.75
N ARG A 279 21.12 -8.03 -18.24
CA ARG A 279 21.34 -7.67 -19.64
C ARG A 279 20.72 -6.31 -20.00
N ASN A 280 20.01 -5.69 -19.05
CA ASN A 280 19.43 -4.37 -19.28
C ASN A 280 19.92 -3.34 -18.30
N LEU A 281 20.98 -3.67 -17.55
CA LEU A 281 21.37 -2.81 -16.43
C LEU A 281 21.80 -1.42 -16.89
N LEU A 282 22.54 -1.34 -18.00
CA LEU A 282 23.02 -0.04 -18.47
C LEU A 282 21.85 0.83 -18.92
N SER A 283 20.90 0.26 -19.65
CA SER A 283 19.79 1.06 -20.11
C SER A 283 18.91 1.49 -18.94
N LEU A 284 18.61 0.56 -18.02
CA LEU A 284 17.68 0.85 -16.93
C LEU A 284 18.28 1.82 -15.92
N SER A 285 19.60 1.78 -15.79
CA SER A 285 20.24 2.70 -14.86
C SER A 285 20.15 4.13 -15.39
N GLN A 286 19.83 4.30 -16.67
CA GLN A 286 19.68 5.65 -17.22
C GLN A 286 18.23 6.12 -17.26
N GLU A 287 17.33 5.35 -16.66
CA GLU A 287 15.93 5.75 -16.59
C GLU A 287 15.57 6.38 -15.26
N LYS A 288 14.71 7.40 -15.29
CA LYS A 288 14.34 8.11 -14.09
C LYS A 288 13.78 7.17 -13.03
N PHE A 289 12.82 6.32 -13.42
CA PHE A 289 12.16 5.47 -12.43
C PHE A 289 12.89 4.14 -12.21
N ALA A 290 13.29 3.49 -13.31
CA ALA A 290 13.89 2.17 -13.16
C ALA A 290 15.26 2.22 -12.48
N SER A 291 15.93 3.36 -12.53
CA SER A 291 17.23 3.44 -11.87
C SER A 291 17.13 3.12 -10.37
N HIS A 292 16.01 3.47 -9.76
CA HIS A 292 15.79 3.14 -8.36
C HIS A 292 15.64 1.63 -8.15
N VAL A 293 15.08 0.94 -9.14
CA VAL A 293 14.92 -0.51 -9.06
C VAL A 293 16.28 -1.17 -9.18
N VAL A 294 17.11 -0.63 -10.08
CA VAL A 294 18.45 -1.16 -10.28
C VAL A 294 19.24 -1.05 -8.97
N GLU A 295 19.12 0.09 -8.29
CA GLU A 295 19.78 0.25 -7.00
C GLU A 295 19.35 -0.82 -6.01
N LYS A 296 18.04 -1.00 -5.86
CA LYS A 296 17.54 -2.04 -4.96
C LYS A 296 18.07 -3.43 -5.31
N ALA A 297 18.16 -3.74 -6.60
CA ALA A 297 18.69 -5.03 -7.04
C ALA A 297 20.15 -5.21 -6.59
N PHE A 298 20.99 -4.21 -6.82
CA PHE A 298 22.37 -4.28 -6.35
C PHE A 298 22.42 -4.47 -4.82
N LEU A 299 21.58 -3.74 -4.09
CA LEU A 299 21.59 -3.78 -2.62
C LEU A 299 21.14 -5.11 -2.04
N HIS A 300 20.26 -5.82 -2.76
CA HIS A 300 19.60 -7.00 -2.19
C HIS A 300 19.78 -8.31 -2.95
N ALA A 301 20.48 -8.27 -4.07
CA ALA A 301 20.68 -9.49 -4.85
C ALA A 301 21.50 -10.49 -4.07
N PRO A 302 21.17 -11.78 -4.23
CA PRO A 302 22.00 -12.88 -3.72
C PRO A 302 23.39 -12.76 -4.33
N LEU A 303 24.43 -13.15 -3.62
CA LEU A 303 25.80 -12.89 -4.07
C LEU A 303 26.11 -13.43 -5.46
N GLU A 304 25.58 -14.61 -5.80
CA GLU A 304 25.81 -15.16 -7.12
C GLU A 304 25.29 -14.23 -8.21
N LEU A 305 24.11 -13.67 -7.99
CA LEU A 305 23.49 -12.79 -8.96
C LEU A 305 24.15 -11.41 -8.93
N LEU A 306 24.56 -10.98 -7.75
CA LEU A 306 25.26 -9.72 -7.62
C LEU A 306 26.54 -9.75 -8.44
N ALA A 307 27.23 -10.89 -8.42
CA ALA A 307 28.46 -11.02 -9.16
C ALA A 307 28.20 -10.87 -10.65
N GLU A 308 27.09 -11.44 -11.12
CA GLU A 308 26.71 -11.31 -12.54
C GLU A 308 26.38 -9.88 -12.87
N MET A 309 25.70 -9.19 -11.96
CA MET A 309 25.39 -7.77 -12.16
C MET A 309 26.64 -6.92 -12.24
N MET A 310 27.57 -7.13 -11.32
CA MET A 310 28.83 -6.39 -11.35
C MET A 310 29.57 -6.64 -12.66
N ASP A 311 29.64 -7.92 -13.04
CA ASP A 311 30.33 -8.31 -14.25
C ASP A 311 29.69 -7.67 -15.48
N GLU A 312 28.38 -7.50 -15.43
CA GLU A 312 27.69 -6.86 -16.55
C GLU A 312 28.11 -5.39 -16.68
N ILE A 313 28.21 -4.68 -15.55
CA ILE A 313 28.64 -3.28 -15.62
C ILE A 313 30.11 -3.19 -16.05
N PHE A 314 30.99 -3.98 -15.42
CA PHE A 314 32.41 -3.89 -15.69
C PHE A 314 32.82 -4.46 -17.07
N ASP A 315 32.08 -5.45 -17.56
CA ASP A 315 32.54 -6.23 -18.72
C ASP A 315 31.45 -6.57 -19.73
N GLY A 316 30.21 -6.19 -19.45
CA GLY A 316 29.09 -6.64 -20.27
C GLY A 316 28.84 -5.89 -21.56
N TYR A 317 29.49 -4.73 -21.74
CA TYR A 317 29.17 -3.87 -22.88
C TYR A 317 30.41 -3.49 -23.67
N ILE A 318 30.24 -3.36 -24.98
CA ILE A 318 31.35 -2.97 -25.84
C ILE A 318 31.48 -1.44 -25.79
N PRO A 319 32.68 -0.94 -25.49
CA PRO A 319 32.90 0.51 -25.42
C PRO A 319 32.63 1.19 -26.75
N HIS A 320 32.39 2.50 -26.72
CA HIS A 320 32.15 3.25 -27.96
C HIS A 320 33.30 3.05 -28.93
N PRO A 321 32.95 2.76 -30.20
CA PRO A 321 33.96 2.42 -31.22
C PRO A 321 34.94 3.56 -31.49
N ASP A 322 34.51 4.80 -31.28
CA ASP A 322 35.36 5.95 -31.57
C ASP A 322 36.07 6.48 -30.32
N THR A 323 35.31 6.66 -29.24
CA THR A 323 35.86 7.34 -28.07
C THR A 323 36.41 6.40 -27.01
N GLY A 324 35.99 5.13 -27.03
CA GLY A 324 36.40 4.20 -26.00
C GLY A 324 35.64 4.37 -24.70
N LYS A 325 34.63 5.24 -24.67
CA LYS A 325 33.84 5.38 -23.45
C LYS A 325 33.09 4.09 -23.17
N ASP A 326 33.13 3.59 -21.94
CA ASP A 326 32.43 2.34 -21.62
C ASP A 326 31.22 2.54 -20.70
N ALA A 327 30.61 1.45 -20.28
CA ALA A 327 29.37 1.57 -19.50
C ALA A 327 29.61 2.34 -18.21
N LEU A 328 30.72 2.06 -17.55
CA LEU A 328 31.04 2.73 -16.31
C LEU A 328 31.23 4.23 -16.53
N ASP A 329 31.89 4.60 -17.64
CA ASP A 329 32.00 6.01 -18.02
C ASP A 329 30.63 6.68 -18.21
N ILE A 330 29.74 6.01 -18.93
CA ILE A 330 28.41 6.56 -19.18
C ILE A 330 27.68 6.77 -17.87
N MET A 331 27.66 5.73 -17.05
CA MET A 331 26.85 5.75 -15.83
C MET A 331 27.36 6.75 -14.81
N MET A 332 28.68 6.84 -14.65
CA MET A 332 29.27 7.75 -13.68
C MET A 332 28.85 9.19 -13.89
N PHE A 333 28.68 9.59 -15.14
CA PHE A 333 28.36 10.97 -15.43
C PHE A 333 26.90 11.16 -15.87
N HIS A 334 26.10 10.10 -15.79
CA HIS A 334 24.69 10.22 -16.19
C HIS A 334 23.83 10.76 -15.05
N GLN A 335 22.79 11.53 -15.40
CA GLN A 335 21.94 12.19 -14.40
C GLN A 335 21.25 11.21 -13.44
N PHE A 336 21.01 9.99 -13.91
CA PHE A 336 20.43 8.97 -13.02
C PHE A 336 21.42 7.86 -12.76
N GLY A 337 22.21 7.52 -13.77
CA GLY A 337 23.17 6.44 -13.63
C GLY A 337 24.18 6.66 -12.53
N ASN A 338 24.52 7.92 -12.24
CA ASN A 338 25.54 8.19 -11.24
C ASN A 338 25.18 7.62 -9.86
N TYR A 339 23.89 7.57 -9.55
CA TYR A 339 23.45 7.05 -8.28
C TYR A 339 23.63 5.53 -8.22
N VAL A 340 23.56 4.88 -9.37
CA VAL A 340 23.72 3.43 -9.38
C VAL A 340 25.17 3.10 -9.10
N VAL A 341 26.08 3.81 -9.75
CA VAL A 341 27.51 3.61 -9.49
C VAL A 341 27.84 3.91 -8.02
N GLN A 342 27.23 4.94 -7.44
CA GLN A 342 27.46 5.25 -6.01
C GLN A 342 27.02 4.06 -5.15
N CYS A 343 25.89 3.48 -5.51
CA CYS A 343 25.34 2.33 -4.82
C CYS A 343 26.35 1.16 -4.88
N MET A 344 26.85 0.89 -6.08
CA MET A 344 27.85 -0.17 -6.27
C MET A 344 29.04 0.03 -5.36
N LEU A 345 29.55 1.26 -5.33
CA LEU A 345 30.74 1.58 -4.53
C LEU A 345 30.48 1.42 -3.04
N THR A 346 29.34 1.93 -2.58
CA THR A 346 28.98 1.84 -1.16
C THR A 346 28.85 0.38 -0.74
N ILE A 347 28.31 -0.44 -1.64
CA ILE A 347 28.14 -1.85 -1.35
C ILE A 347 29.52 -2.49 -1.14
N CYS A 348 30.45 -2.22 -2.04
CA CYS A 348 31.80 -2.77 -1.93
C CYS A 348 32.53 -2.25 -0.70
N CYS A 349 32.43 -0.96 -0.43
CA CYS A 349 33.07 -0.43 0.76
C CYS A 349 32.46 -1.03 2.04
N ASP A 350 31.15 -1.23 2.05
CA ASP A 350 30.51 -1.87 3.21
C ASP A 350 31.06 -3.29 3.39
N ALA A 351 31.23 -4.02 2.30
CA ALA A 351 31.70 -5.41 2.37
C ALA A 351 33.11 -5.51 2.91
N VAL A 352 34.03 -4.70 2.39
CA VAL A 352 35.42 -4.83 2.79
C VAL A 352 35.67 -4.20 4.17
N SER A 353 34.70 -3.41 4.63
CA SER A 353 34.80 -2.72 5.90
C SER A 353 34.16 -3.52 7.04
N GLY A 354 33.50 -4.61 6.70
CA GLY A 354 32.86 -5.47 7.69
C GLY A 354 31.44 -5.08 8.04
N ARG A 355 30.90 -4.08 7.35
CA ARG A 355 29.56 -3.62 7.63
C ARG A 355 28.53 -4.47 6.90
N ARG A 356 29.01 -5.30 5.98
CA ARG A 356 28.14 -6.15 5.18
C ARG A 356 28.70 -7.58 5.10
N GLN A 357 27.86 -8.55 5.43
CA GLN A 357 28.26 -9.96 5.46
C GLN A 357 28.64 -10.45 4.06
N THR A 358 29.79 -11.10 3.96
CA THR A 358 30.32 -11.55 2.66
C THR A 358 30.17 -13.06 2.48
N LYS A 359 29.80 -13.77 3.53
CA LYS A 359 29.57 -15.22 3.47
C LYS A 359 28.15 -15.52 2.99
N GLU A 360 28.05 -16.34 1.96
CA GLU A 360 26.77 -16.75 1.41
C GLU A 360 27.06 -17.87 0.42
N GLY A 361 26.14 -18.83 0.33
CA GLY A 361 26.30 -19.96 -0.57
C GLY A 361 27.42 -20.92 -0.19
N GLY A 362 27.81 -20.91 1.09
CA GLY A 362 28.83 -21.81 1.59
C GLY A 362 30.24 -21.32 1.30
N TYR A 363 30.39 -20.02 1.08
CA TYR A 363 31.70 -19.45 0.80
C TYR A 363 31.75 -17.96 1.13
N ASP A 364 32.93 -17.48 1.48
CA ASP A 364 33.16 -16.06 1.78
C ASP A 364 33.55 -15.37 0.48
N HIS A 365 32.74 -14.41 0.04
CA HIS A 365 32.92 -13.77 -1.25
C HIS A 365 33.73 -12.50 -1.14
N ALA A 366 34.42 -12.33 -0.03
CA ALA A 366 35.14 -11.08 0.21
C ALA A 366 36.09 -10.77 -0.95
N ILE A 367 36.70 -11.82 -1.50
CA ILE A 367 37.64 -11.68 -2.61
C ILE A 367 36.97 -11.01 -3.81
N SER A 368 35.70 -11.31 -4.03
CA SER A 368 34.93 -10.68 -5.11
C SER A 368 34.71 -9.20 -4.87
N PHE A 369 34.26 -8.84 -3.67
CA PHE A 369 34.05 -7.45 -3.33
C PHE A 369 35.35 -6.64 -3.43
N GLN A 370 36.46 -7.26 -3.06
CA GLN A 370 37.75 -6.59 -3.12
C GLN A 370 38.14 -6.33 -4.57
N ASP A 371 37.81 -7.29 -5.43
CA ASP A 371 38.05 -7.16 -6.85
C ASP A 371 37.22 -6.02 -7.41
N TRP A 372 35.92 -6.01 -7.11
CA TRP A 372 35.06 -4.94 -7.62
C TRP A 372 35.49 -3.58 -7.09
N LEU A 373 35.90 -3.54 -5.82
CA LEU A 373 36.30 -2.29 -5.22
C LEU A 373 37.52 -1.75 -5.93
N LYS A 374 38.47 -2.64 -6.18
CA LYS A 374 39.70 -2.28 -6.88
C LYS A 374 39.42 -1.68 -8.25
N LYS A 375 38.45 -2.22 -8.97
CA LYS A 375 38.10 -1.68 -10.28
C LYS A 375 37.54 -0.27 -10.15
N LEU A 376 36.59 -0.11 -9.24
CA LEU A 376 36.01 1.21 -9.00
C LEU A 376 37.08 2.19 -8.53
N HIS A 377 37.96 1.77 -7.63
CA HIS A 377 38.99 2.66 -7.09
C HIS A 377 39.92 3.11 -8.21
N SER A 378 40.24 2.17 -9.09
CA SER A 378 41.10 2.51 -10.20
C SER A 378 40.46 3.49 -11.18
N ARG A 379 39.17 3.29 -11.46
CA ARG A 379 38.47 4.21 -12.37
C ARG A 379 38.37 5.59 -11.76
N VAL A 380 38.00 5.64 -10.47
CA VAL A 380 37.84 6.93 -9.81
C VAL A 380 39.17 7.67 -9.73
N THR A 381 40.25 6.93 -9.51
CA THR A 381 41.58 7.52 -9.48
C THR A 381 41.94 8.13 -10.83
N LYS A 382 41.77 7.36 -11.89
CA LYS A 382 42.08 7.82 -13.24
C LYS A 382 41.25 9.03 -13.67
N GLU A 383 39.98 9.03 -13.29
CA GLU A 383 39.06 10.07 -13.71
C GLU A 383 38.75 11.14 -12.65
N ARG A 384 39.64 11.26 -11.67
CA ARG A 384 39.38 12.13 -10.53
C ARG A 384 39.13 13.58 -10.93
N HIS A 385 39.85 14.09 -11.93
CA HIS A 385 39.66 15.49 -12.31
C HIS A 385 38.28 15.75 -12.87
N ARG A 386 37.82 14.92 -13.80
CA ARG A 386 36.45 15.07 -14.28
C ARG A 386 35.43 14.78 -13.19
N LEU A 387 35.66 13.75 -12.40
CA LEU A 387 34.70 13.41 -11.35
C LEU A 387 34.54 14.51 -10.32
N SER A 388 35.63 15.21 -10.03
CA SER A 388 35.59 16.26 -9.00
C SER A 388 34.75 17.46 -9.42
N ARG A 389 34.34 17.51 -10.68
CA ARG A 389 33.46 18.58 -11.15
C ARG A 389 32.03 18.40 -10.63
N PHE A 390 31.71 17.19 -10.16
CA PHE A 390 30.32 16.85 -9.85
C PHE A 390 30.13 16.41 -8.41
N SER A 391 28.98 16.74 -7.83
CA SER A 391 28.67 16.27 -6.49
C SER A 391 28.83 14.75 -6.34
N SER A 392 28.33 14.00 -7.32
CA SER A 392 28.40 12.54 -7.25
C SER A 392 29.86 12.06 -7.27
N GLY A 393 30.69 12.73 -8.07
CA GLY A 393 32.11 12.40 -8.13
C GLY A 393 32.82 12.69 -6.83
N LYS A 394 32.55 13.86 -6.27
CA LYS A 394 33.13 14.19 -4.97
C LYS A 394 32.70 13.18 -3.89
N LYS A 395 31.45 12.72 -3.95
CA LYS A 395 30.98 11.74 -2.98
C LYS A 395 31.73 10.42 -3.10
N MET A 396 32.04 9.99 -4.32
CA MET A 396 32.74 8.72 -4.51
C MET A 396 34.16 8.84 -4.02
N ILE A 397 34.78 9.97 -4.34
CA ILE A 397 36.13 10.24 -3.88
C ILE A 397 36.18 10.22 -2.35
N GLU A 398 35.18 10.83 -1.72
CA GLU A 398 35.09 10.86 -0.26
C GLU A 398 34.84 9.48 0.34
N THR A 399 33.95 8.71 -0.27
CA THR A 399 33.69 7.34 0.12
C THR A 399 34.99 6.51 0.14
N LEU A 400 35.77 6.60 -0.93
CA LEU A 400 37.05 5.90 -0.99
C LEU A 400 38.06 6.41 0.03
N ALA A 401 38.13 7.73 0.19
CA ALA A 401 39.01 8.33 1.20
C ALA A 401 38.65 7.85 2.62
N ASN A 402 37.36 7.78 2.93
CA ASN A 402 36.92 7.36 4.26
C ASN A 402 37.27 5.91 4.56
N LEU A 403 37.29 5.10 3.51
CA LEU A 403 37.61 3.68 3.67
C LEU A 403 39.07 3.49 4.08
N ARG A 404 39.98 4.19 3.41
CA ARG A 404 41.41 4.12 3.73
C ARG A 404 41.64 4.24 5.22
N SER A 405 41.22 5.36 5.80
CA SER A 405 41.39 5.60 7.23
C SER A 405 40.35 4.84 8.04
#